data_4ROC
#
_entry.id   4ROC
#
_cell.length_a   77.276
_cell.length_b   89.911
_cell.length_c   102.462
_cell.angle_alpha   90.00
_cell.angle_beta   90.00
_cell.angle_gamma   90.00
#
_symmetry.space_group_name_H-M   'P 21 21 21'
#
loop_
_entity.id
_entity.type
_entity.pdbx_description
1 polymer 'Transcription factor IIIB 50 kDa subunit'
2 polymer 'TATA-box-binding protein'
3 polymer 'Template strand'
4 polymer 'Non-template strand'
5 non-polymer 'MAGNESIUM ION'
6 water water
#
loop_
_entity_poly.entity_id
_entity_poly.type
_entity_poly.pdbx_seq_one_letter_code
_entity_poly.pdbx_strand_id
1 'polypeptide(L)'
;GPNEQVSRSQQRGLRRVRDLCRVLQLPPTFEDTAVAYYQQAYRHSGIRAARLQKKEVLVGCCVLITCRQHNWPLTMGAIC
TLLYADLDVFSSTYMQIVKLLGLDVPSLCLAELVKTYCSSFKLFQASPSVPAKYVEDKEKMLSRTMQLVELANETWLVTG
RHPLPVITAATFLAWQSLQPADRLSCSLARFCKLANVDLPYPASSRLQELLAVLLRMAEQLAWLRVLRLDKRSVVKHIGD
LLQHRQSLVRSAFRDGTAEVETREKEPPGWGQGQGEGEVGNNSLGLPQGKRPASPALLLPPCMLKSPKRICPVPPVSTVT
GDENISDSEIEQYLRTPQEVRDFQRAQAARQAATSVPNPP
;
A
2 'polypeptide(L)'
;GPSGIVPQLQNIVSTVNLGCKLDLKTIALRARNAEYNPKRFAAVIMRIREPRTTALIFSSGKMVCTGAKSEEQSRLAARK
YARVVQKLGFPAKFLDFKIQNMVGSCDVKFPIRLEGLVLTHQQFSSYEPELFPGLIYRMIKPRIVLLIFVSGKVVLTGAK
VRAEIYEAFENIYPILKGFRKTT
;
B
3 'polydeoxyribonucleotide'
;(DA)(DT)(DT)(DG)(DA)(DA)(DG)(DG)(DG)(DC)(DT)(DT)(DA)(DA)(DA)(DA)(DT)(DA)(DG)(DG)
(DT)(DG)(DT)(DG)(DA)(DC)(DA)(DG)
;
N
4 'polydeoxyribonucleotide'
;(DC)(DT)(DG)(DT)(DC)(DA)(DC)(DA)(DC)(DC)(DT)(DA)(DT)(DT)(DT)(DT)(DA)(DA)(DG)(DC)
(DC)(DC)(DT)(DT)(DC)(DA)(DA)(DT)
;
T
#
# COMPACT_ATOMS: atom_id res chain seq x y z
N VAL A 6 -35.80 -0.57 5.91
CA VAL A 6 -36.58 -0.62 7.15
C VAL A 6 -35.68 -1.09 8.34
N SER A 7 -34.51 -1.68 8.03
CA SER A 7 -33.52 -2.20 9.00
C SER A 7 -33.05 -1.10 9.98
N ARG A 8 -33.01 -1.44 11.29
CA ARG A 8 -32.60 -0.54 12.37
C ARG A 8 -31.17 0.02 12.15
N SER A 9 -30.25 -0.81 11.62
CA SER A 9 -28.88 -0.38 11.35
C SER A 9 -28.81 0.46 10.06
N GLN A 10 -29.81 0.29 9.14
CA GLN A 10 -29.88 1.05 7.88
C GLN A 10 -30.42 2.45 8.16
N GLN A 11 -31.49 2.54 8.98
CA GLN A 11 -32.13 3.79 9.41
C GLN A 11 -31.11 4.67 10.14
N ARG A 12 -30.33 4.05 11.05
CA ARG A 12 -29.26 4.69 11.83
C ARG A 12 -28.15 5.18 10.89
N GLY A 13 -27.83 4.39 9.87
CA GLY A 13 -26.82 4.69 8.85
C GLY A 13 -27.21 5.88 7.98
N LEU A 14 -28.47 5.92 7.50
CA LEU A 14 -28.99 7.00 6.65
C LEU A 14 -29.04 8.32 7.42
N ARG A 15 -29.35 8.26 8.73
CA ARG A 15 -29.37 9.41 9.63
C ARG A 15 -27.94 9.92 9.83
N ARG A 16 -26.97 9.00 10.00
CA ARG A 16 -25.56 9.35 10.18
C ARG A 16 -24.99 9.99 8.89
N VAL A 17 -25.42 9.52 7.71
CA VAL A 17 -25.00 10.05 6.40
C VAL A 17 -25.36 11.54 6.31
N ARG A 18 -26.64 11.86 6.64
CA ARG A 18 -27.20 13.21 6.63
C ARG A 18 -26.49 14.13 7.63
N ASP A 19 -26.20 13.61 8.85
CA ASP A 19 -25.51 14.36 9.91
C ASP A 19 -24.07 14.68 9.49
N LEU A 20 -23.40 13.75 8.78
CA LEU A 20 -22.02 13.97 8.32
C LEU A 20 -21.98 15.09 7.28
N CYS A 21 -22.92 15.08 6.31
CA CYS A 21 -23.05 16.11 5.26
C CYS A 21 -23.29 17.51 5.86
N ARG A 22 -24.12 17.60 6.93
CA ARG A 22 -24.45 18.87 7.59
C ARG A 22 -23.26 19.40 8.40
N VAL A 23 -22.51 18.51 9.05
CA VAL A 23 -21.31 18.84 9.82
C VAL A 23 -20.22 19.37 8.86
N LEU A 24 -20.09 18.73 7.69
CA LEU A 24 -19.11 19.09 6.66
C LEU A 24 -19.50 20.35 5.87
N GLN A 25 -20.74 20.88 6.05
CA GLN A 25 -21.29 22.07 5.39
C GLN A 25 -21.24 21.94 3.86
N LEU A 26 -21.54 20.73 3.37
CA LEU A 26 -21.58 20.36 1.96
C LEU A 26 -22.77 21.01 1.25
N PRO A 27 -22.69 21.25 -0.09
CA PRO A 27 -23.87 21.77 -0.81
C PRO A 27 -25.10 20.87 -0.63
N PRO A 28 -26.35 21.42 -0.74
CA PRO A 28 -27.56 20.61 -0.42
C PRO A 28 -27.78 19.32 -1.21
N THR A 29 -27.31 19.25 -2.46
CA THR A 29 -27.49 18.10 -3.36
C THR A 29 -26.67 16.88 -2.96
N PHE A 30 -25.56 17.07 -2.25
CA PHE A 30 -24.64 16.01 -1.84
C PHE A 30 -25.30 14.97 -0.92
N GLU A 31 -26.12 15.43 0.04
CA GLU A 31 -26.83 14.60 1.03
C GLU A 31 -27.65 13.47 0.36
N ASP A 32 -28.51 13.82 -0.62
CA ASP A 32 -29.37 12.89 -1.36
C ASP A 32 -28.57 11.78 -2.08
N THR A 33 -27.51 12.16 -2.81
CA THR A 33 -26.63 11.25 -3.57
C THR A 33 -25.95 10.24 -2.64
N ALA A 34 -25.43 10.71 -1.50
CA ALA A 34 -24.75 9.89 -0.51
C ALA A 34 -25.71 8.92 0.18
N VAL A 35 -26.96 9.35 0.43
CA VAL A 35 -28.03 8.54 1.04
C VAL A 35 -28.38 7.39 0.07
N ALA A 36 -28.47 7.70 -1.24
CA ALA A 36 -28.80 6.74 -2.29
C ALA A 36 -27.68 5.69 -2.44
N TYR A 37 -26.40 6.09 -2.25
CA TYR A 37 -25.26 5.17 -2.33
C TYR A 37 -25.28 4.19 -1.16
N TYR A 38 -25.63 4.68 0.04
CA TYR A 38 -25.73 3.88 1.26
C TYR A 38 -26.86 2.84 1.10
N GLN A 39 -27.99 3.25 0.49
CA GLN A 39 -29.15 2.37 0.23
C GLN A 39 -28.77 1.30 -0.78
N GLN A 40 -28.08 1.70 -1.87
CA GLN A 40 -27.59 0.82 -2.93
C GLN A 40 -26.66 -0.24 -2.35
N ALA A 41 -25.74 0.20 -1.45
CA ALA A 41 -24.80 -0.65 -0.73
C ALA A 41 -25.52 -1.68 0.08
N TYR A 42 -26.54 -1.26 0.86
CA TYR A 42 -27.32 -2.12 1.75
C TYR A 42 -28.12 -3.23 1.04
N ARG A 43 -28.36 -3.10 -0.28
CA ARG A 43 -29.08 -4.14 -1.04
C ARG A 43 -28.21 -5.37 -1.24
N HIS A 44 -26.88 -5.23 -1.15
CA HIS A 44 -25.97 -6.36 -1.31
C HIS A 44 -25.87 -7.12 0.01
N SER A 45 -25.98 -8.46 -0.07
CA SER A 45 -25.94 -9.41 1.05
C SER A 45 -24.63 -9.30 1.85
N GLY A 46 -23.52 -9.07 1.16
CA GLY A 46 -22.20 -8.90 1.76
C GLY A 46 -22.11 -7.71 2.71
N ILE A 47 -22.91 -6.64 2.44
CA ILE A 47 -22.99 -5.43 3.26
C ILE A 47 -24.02 -5.66 4.39
N ARG A 48 -25.17 -6.26 4.06
CA ARG A 48 -26.22 -6.60 5.03
C ARG A 48 -25.68 -7.48 6.16
N ALA A 49 -24.80 -8.45 5.84
CA ALA A 49 -24.24 -9.37 6.84
C ALA A 49 -22.96 -8.84 7.53
N ALA A 50 -22.46 -7.66 7.13
CA ALA A 50 -21.22 -7.08 7.68
C ALA A 50 -21.38 -6.60 9.13
N ARG A 51 -20.22 -6.47 9.82
CA ARG A 51 -20.11 -5.98 11.21
C ARG A 51 -20.69 -4.58 11.32
N LEU A 52 -21.22 -4.21 12.49
CA LEU A 52 -21.76 -2.86 12.69
C LEU A 52 -20.67 -1.78 12.48
N GLN A 53 -19.38 -2.09 12.79
CA GLN A 53 -18.23 -1.21 12.60
C GLN A 53 -18.04 -0.88 11.09
N LYS A 54 -18.26 -1.89 10.20
CA LYS A 54 -18.18 -1.67 8.74
C LYS A 54 -19.33 -0.78 8.30
N LYS A 55 -20.53 -0.99 8.86
CA LYS A 55 -21.74 -0.22 8.54
C LYS A 55 -21.58 1.22 8.99
N GLU A 56 -20.79 1.45 10.05
CA GLU A 56 -20.45 2.78 10.55
C GLU A 56 -19.50 3.51 9.57
N VAL A 57 -18.41 2.87 9.12
CA VAL A 57 -17.45 3.50 8.20
C VAL A 57 -18.08 3.64 6.79
N LEU A 58 -19.06 2.77 6.42
CA LEU A 58 -19.76 2.82 5.12
C LEU A 58 -20.43 4.19 4.93
N VAL A 59 -20.86 4.80 6.04
CA VAL A 59 -21.44 6.15 6.07
C VAL A 59 -20.44 7.13 5.44
N GLY A 60 -19.16 7.00 5.85
CA GLY A 60 -18.06 7.84 5.38
C GLY A 60 -17.69 7.58 3.94
N CYS A 61 -17.71 6.30 3.51
CA CYS A 61 -17.40 5.88 2.13
C CYS A 61 -18.37 6.49 1.13
N CYS A 62 -19.66 6.47 1.46
CA CYS A 62 -20.73 6.99 0.61
C CYS A 62 -20.66 8.52 0.46
N VAL A 63 -20.27 9.23 1.52
CA VAL A 63 -20.10 10.69 1.48
C VAL A 63 -18.81 11.03 0.71
N LEU A 64 -17.73 10.26 0.91
CA LEU A 64 -16.46 10.47 0.22
C LEU A 64 -16.64 10.27 -1.29
N ILE A 65 -17.32 9.19 -1.73
CA ILE A 65 -17.60 8.95 -3.15
C ILE A 65 -18.35 10.16 -3.76
N THR A 66 -19.39 10.66 -3.06
CA THR A 66 -20.16 11.82 -3.48
C THR A 66 -19.23 13.03 -3.65
N CYS A 67 -18.36 13.29 -2.66
CA CYS A 67 -17.41 14.40 -2.67
C CYS A 67 -16.39 14.28 -3.79
N ARG A 68 -15.90 13.06 -4.04
CA ARG A 68 -14.95 12.81 -5.14
C ARG A 68 -15.55 13.10 -6.53
N GLN A 69 -16.86 12.77 -6.71
CA GLN A 69 -17.53 13.01 -7.99
C GLN A 69 -17.73 14.51 -8.22
N HIS A 70 -17.84 15.30 -7.13
CA HIS A 70 -17.98 16.77 -7.26
C HIS A 70 -16.67 17.54 -7.00
N ASN A 71 -15.52 16.85 -6.98
CA ASN A 71 -14.20 17.45 -6.73
C ASN A 71 -14.12 18.19 -5.38
N TRP A 72 -14.97 17.80 -4.40
CA TRP A 72 -14.96 18.37 -3.05
C TRP A 72 -13.77 17.69 -2.33
N PRO A 73 -12.74 18.45 -1.87
CA PRO A 73 -11.49 17.81 -1.42
C PRO A 73 -11.45 17.26 0.01
N LEU A 74 -12.29 16.29 0.28
CA LEU A 74 -12.35 15.62 1.55
C LEU A 74 -11.33 14.48 1.55
N THR A 75 -10.47 14.37 2.57
CA THR A 75 -9.49 13.28 2.61
C THR A 75 -10.06 12.13 3.43
N MET A 76 -9.53 10.91 3.22
CA MET A 76 -9.95 9.71 3.96
C MET A 76 -9.63 9.86 5.44
N GLY A 77 -8.49 10.50 5.72
CA GLY A 77 -8.00 10.78 7.07
C GLY A 77 -8.93 11.71 7.82
N ALA A 78 -9.39 12.78 7.16
CA ALA A 78 -10.30 13.75 7.76
C ALA A 78 -11.63 13.11 8.11
N ILE A 79 -12.21 12.26 7.22
CA ILE A 79 -13.49 11.55 7.45
C ILE A 79 -13.39 10.63 8.66
N CYS A 80 -12.29 9.84 8.75
CA CYS A 80 -12.03 8.91 9.85
C CYS A 80 -11.85 9.63 11.18
N THR A 81 -11.30 10.88 11.16
CA THR A 81 -11.13 11.68 12.37
C THR A 81 -12.52 12.10 12.88
N LEU A 82 -13.38 12.61 11.98
CA LEU A 82 -14.75 13.03 12.30
C LEU A 82 -15.65 11.87 12.73
N LEU A 83 -15.44 10.67 12.16
CA LEU A 83 -16.25 9.51 12.48
C LEU A 83 -15.66 8.68 13.63
N TYR A 84 -14.45 9.05 14.14
CA TYR A 84 -13.74 8.32 15.20
C TYR A 84 -13.59 6.86 14.76
N ALA A 85 -13.19 6.69 13.50
CA ALA A 85 -13.07 5.40 12.82
C ALA A 85 -11.63 5.03 12.52
N ASP A 86 -11.39 3.74 12.45
CA ASP A 86 -10.10 3.15 12.12
C ASP A 86 -9.88 3.31 10.60
N LEU A 87 -8.73 3.85 10.19
CA LEU A 87 -8.44 4.09 8.78
C LEU A 87 -8.37 2.79 7.97
N ASP A 88 -7.87 1.70 8.58
CA ASP A 88 -7.75 0.39 7.94
C ASP A 88 -9.13 -0.22 7.63
N VAL A 89 -10.12 -0.08 8.54
N VAL A 89 -10.13 -0.10 8.53
CA VAL A 89 -11.50 -0.54 8.35
CA VAL A 89 -11.48 -0.62 8.27
C VAL A 89 -12.15 0.31 7.24
C VAL A 89 -12.17 0.31 7.23
N PHE A 90 -11.82 1.62 7.23
CA PHE A 90 -12.33 2.54 6.21
C PHE A 90 -11.78 2.12 4.84
N SER A 91 -10.46 1.79 4.79
CA SER A 91 -9.73 1.36 3.57
C SER A 91 -10.37 0.14 2.89
N SER A 92 -10.61 -0.92 3.67
CA SER A 92 -11.18 -2.16 3.16
C SER A 92 -12.65 -1.97 2.75
N THR A 93 -13.44 -1.16 3.50
CA THR A 93 -14.85 -0.92 3.15
C THR A 93 -14.96 -0.07 1.84
N TYR A 94 -14.12 0.97 1.70
CA TYR A 94 -14.14 1.84 0.52
C TYR A 94 -13.83 1.06 -0.78
N MET A 95 -12.76 0.25 -0.76
CA MET A 95 -12.33 -0.58 -1.89
C MET A 95 -13.42 -1.61 -2.26
N GLN A 96 -14.08 -2.19 -1.24
CA GLN A 96 -15.15 -3.14 -1.44
C GLN A 96 -16.37 -2.52 -2.11
N ILE A 97 -16.84 -1.36 -1.60
CA ILE A 97 -18.04 -0.72 -2.10
C ILE A 97 -17.84 -0.12 -3.50
N VAL A 98 -16.63 0.37 -3.84
CA VAL A 98 -16.36 0.92 -5.17
C VAL A 98 -16.48 -0.24 -6.19
N LYS A 99 -15.88 -1.39 -5.86
CA LYS A 99 -15.88 -2.64 -6.65
C LYS A 99 -17.31 -3.21 -6.77
N LEU A 100 -18.08 -3.17 -5.68
CA LEU A 100 -19.46 -3.67 -5.57
C LEU A 100 -20.47 -2.82 -6.36
N LEU A 101 -20.39 -1.48 -6.25
CA LEU A 101 -21.30 -0.57 -6.96
C LEU A 101 -20.82 -0.32 -8.41
N GLY A 102 -19.68 -0.92 -8.78
CA GLY A 102 -19.04 -0.81 -10.09
C GLY A 102 -18.76 0.62 -10.50
N LEU A 103 -18.12 1.39 -9.59
CA LEU A 103 -17.86 2.81 -9.78
C LEU A 103 -16.46 3.14 -10.24
N ASP A 104 -16.38 4.16 -11.09
CA ASP A 104 -15.17 4.80 -11.57
C ASP A 104 -15.10 6.09 -10.78
N VAL A 105 -14.57 6.02 -9.58
CA VAL A 105 -14.51 7.17 -8.66
C VAL A 105 -13.36 8.10 -9.06
N PRO A 106 -13.61 9.40 -9.30
CA PRO A 106 -12.50 10.29 -9.65
C PRO A 106 -11.48 10.41 -8.51
N SER A 107 -10.23 10.66 -8.83
CA SER A 107 -9.18 10.79 -7.84
C SER A 107 -9.37 12.08 -7.02
N LEU A 108 -8.70 12.16 -5.86
CA LEU A 108 -8.72 13.36 -5.02
C LEU A 108 -8.23 14.57 -5.83
N CYS A 109 -8.96 15.68 -5.79
CA CYS A 109 -8.55 16.86 -6.56
C CYS A 109 -7.53 17.66 -5.77
N LEU A 110 -6.24 17.49 -6.10
CA LEU A 110 -5.14 18.18 -5.44
C LEU A 110 -5.27 19.70 -5.49
N ALA A 111 -5.68 20.26 -6.65
CA ALA A 111 -5.83 21.72 -6.77
C ALA A 111 -6.84 22.29 -5.74
N GLU A 112 -7.97 21.59 -5.52
CA GLU A 112 -9.00 22.00 -4.56
C GLU A 112 -8.58 21.73 -3.11
N LEU A 113 -7.77 20.68 -2.88
CA LEU A 113 -7.23 20.39 -1.55
C LEU A 113 -6.22 21.47 -1.18
N VAL A 114 -5.39 21.92 -2.13
CA VAL A 114 -4.43 23.01 -1.89
C VAL A 114 -5.20 24.24 -1.35
N LYS A 115 -6.27 24.66 -2.02
CA LYS A 115 -7.08 25.81 -1.60
C LYS A 115 -7.69 25.65 -0.20
N THR A 116 -8.34 24.52 0.08
CA THR A 116 -8.98 24.31 1.38
C THR A 116 -7.94 24.16 2.51
N TYR A 117 -6.91 23.30 2.31
CA TYR A 117 -5.91 23.04 3.34
C TYR A 117 -5.02 24.26 3.67
N CYS A 118 -4.54 25.00 2.66
N CYS A 118 -4.53 24.98 2.63
CA CYS A 118 -3.66 26.15 2.90
CA CYS A 118 -3.66 26.16 2.75
C CYS A 118 -4.39 27.33 3.56
C CYS A 118 -4.38 27.30 3.51
N SER A 119 -5.70 27.46 3.30
CA SER A 119 -6.55 28.49 3.94
C SER A 119 -6.75 28.22 5.45
N SER A 120 -6.59 26.94 5.89
CA SER A 120 -6.71 26.58 7.32
C SER A 120 -5.46 26.99 8.14
N PHE A 121 -4.33 27.34 7.47
CA PHE A 121 -3.08 27.77 8.11
C PHE A 121 -3.33 29.17 8.64
N LYS A 122 -3.29 29.36 9.98
CA LYS A 122 -3.62 30.62 10.62
C LYS A 122 -2.46 31.60 10.61
N LEU A 123 -2.11 32.10 9.43
CA LEU A 123 -0.96 32.99 9.24
C LEU A 123 -1.34 34.31 8.60
N PHE A 124 -2.62 34.67 8.63
CA PHE A 124 -3.09 35.84 7.90
C PHE A 124 -3.34 37.04 8.81
N GLN A 125 -3.25 36.83 10.12
CA GLN A 125 -3.40 37.88 11.12
C GLN A 125 -2.33 37.67 12.22
N ALA A 126 -1.75 38.76 12.74
CA ALA A 126 -0.77 38.72 13.83
C ALA A 126 -1.48 38.33 15.13
N SER A 127 -0.75 37.68 16.03
CA SER A 127 -1.23 37.23 17.34
C SER A 127 -0.01 36.96 18.25
N PRO A 128 -0.17 36.71 19.58
CA PRO A 128 1.01 36.40 20.41
C PRO A 128 1.86 35.25 19.84
N SER A 129 1.25 34.25 19.19
CA SER A 129 1.95 33.11 18.61
C SER A 129 2.31 33.30 17.12
N VAL A 130 1.74 34.32 16.44
CA VAL A 130 2.05 34.63 15.03
C VAL A 130 2.63 36.06 14.95
N PRO A 131 3.96 36.26 15.11
CA PRO A 131 4.50 37.64 15.02
C PRO A 131 4.34 38.23 13.62
N ALA A 132 4.40 39.56 13.56
CA ALA A 132 4.24 40.40 12.36
C ALA A 132 5.02 39.86 11.14
N LYS A 133 6.30 39.50 11.31
CA LYS A 133 7.13 39.04 10.19
C LYS A 133 6.73 37.63 9.69
N TYR A 134 5.87 36.91 10.42
CA TYR A 134 5.41 35.59 10.02
C TYR A 134 4.04 35.64 9.31
N VAL A 135 3.39 36.82 9.35
CA VAL A 135 2.07 37.06 8.74
C VAL A 135 2.26 37.16 7.22
N GLU A 136 1.44 36.43 6.47
CA GLU A 136 1.55 36.40 5.01
C GLU A 136 0.18 36.62 4.36
N ASP A 137 0.20 37.13 3.11
CA ASP A 137 -0.98 37.33 2.26
C ASP A 137 -1.49 35.96 1.81
N LYS A 138 -2.80 35.73 2.02
CA LYS A 138 -3.48 34.47 1.70
C LYS A 138 -3.41 34.13 0.20
N GLU A 139 -3.57 35.11 -0.70
CA GLU A 139 -3.54 34.86 -2.16
C GLU A 139 -2.13 34.52 -2.63
N LYS A 140 -1.10 35.21 -2.11
CA LYS A 140 0.31 34.99 -2.44
C LYS A 140 0.74 33.59 -2.00
N MET A 141 0.24 33.16 -0.82
CA MET A 141 0.45 31.85 -0.20
C MET A 141 -0.11 30.75 -1.08
N LEU A 142 -1.42 30.84 -1.42
CA LEU A 142 -2.11 29.84 -2.25
C LEU A 142 -1.44 29.66 -3.61
N SER A 143 -1.13 30.79 -4.29
CA SER A 143 -0.55 30.76 -5.62
C SER A 143 0.82 30.07 -5.64
N ARG A 144 1.70 30.39 -4.67
CA ARG A 144 3.02 29.78 -4.65
C ARG A 144 2.96 28.30 -4.21
N THR A 145 2.11 27.97 -3.23
CA THR A 145 1.93 26.58 -2.81
C THR A 145 1.48 25.70 -3.99
N MET A 146 0.52 26.15 -4.75
CA MET A 146 0.03 25.41 -5.89
C MET A 146 1.10 25.14 -6.94
N GLN A 147 1.93 26.14 -7.21
CA GLN A 147 3.05 26.01 -8.15
C GLN A 147 4.07 24.99 -7.64
N LEU A 148 4.33 24.98 -6.31
CA LEU A 148 5.24 24.02 -5.69
C LEU A 148 4.63 22.57 -5.66
N VAL A 149 3.31 22.45 -5.56
CA VAL A 149 2.62 21.14 -5.57
C VAL A 149 2.66 20.57 -7.01
N GLU A 150 2.41 21.43 -8.02
CA GLU A 150 2.50 21.06 -9.44
C GLU A 150 3.93 20.60 -9.80
N LEU A 151 4.96 21.29 -9.27
CA LEU A 151 6.37 20.92 -9.45
C LEU A 151 6.65 19.53 -8.85
N ALA A 152 6.19 19.28 -7.61
CA ALA A 152 6.33 18.00 -6.92
C ALA A 152 5.68 16.87 -7.74
N ASN A 153 4.50 17.15 -8.31
CA ASN A 153 3.76 16.21 -9.13
C ASN A 153 4.51 15.90 -10.45
N GLU A 154 5.08 16.93 -11.11
CA GLU A 154 5.85 16.78 -12.35
C GLU A 154 7.22 16.08 -12.11
N THR A 155 7.78 16.18 -10.89
CA THR A 155 9.09 15.60 -10.58
C THR A 155 9.00 14.30 -9.73
N TRP A 156 7.85 13.58 -9.85
CA TRP A 156 7.59 12.26 -9.26
C TRP A 156 7.62 12.22 -7.73
N LEU A 157 7.22 13.28 -7.04
CA LEU A 157 7.23 13.23 -5.58
C LEU A 157 5.82 12.91 -5.03
N VAL A 158 4.80 12.95 -5.89
CA VAL A 158 3.43 12.73 -5.45
C VAL A 158 2.99 11.27 -5.69
N THR A 159 3.37 10.66 -6.83
CA THR A 159 2.92 9.29 -7.18
C THR A 159 3.24 8.24 -6.09
N GLY A 160 2.19 7.58 -5.60
CA GLY A 160 2.23 6.54 -4.56
C GLY A 160 2.33 7.01 -3.12
N ARG A 161 2.43 8.34 -2.89
CA ARG A 161 2.54 8.91 -1.54
C ARG A 161 1.21 9.46 -1.05
N HIS A 162 1.07 9.64 0.25
CA HIS A 162 -0.07 10.38 0.82
C HIS A 162 0.00 11.81 0.28
N PRO A 163 -1.09 12.40 -0.21
CA PRO A 163 -0.98 13.74 -0.82
C PRO A 163 -0.90 14.89 0.18
N LEU A 164 -1.57 14.83 1.33
CA LEU A 164 -1.55 15.94 2.30
C LEU A 164 -0.12 16.34 2.76
N PRO A 165 0.82 15.42 3.16
CA PRO A 165 2.18 15.86 3.58
C PRO A 165 2.96 16.59 2.49
N VAL A 166 2.65 16.35 1.20
CA VAL A 166 3.25 17.06 0.08
C VAL A 166 2.80 18.53 0.15
N ILE A 167 1.50 18.76 0.39
CA ILE A 167 0.96 20.12 0.48
C ILE A 167 1.53 20.83 1.73
N THR A 168 1.70 20.12 2.88
CA THR A 168 2.29 20.69 4.10
C THR A 168 3.69 21.19 3.82
N ALA A 169 4.54 20.35 3.15
CA ALA A 169 5.91 20.74 2.80
C ALA A 169 5.93 21.94 1.82
N ALA A 170 5.04 21.91 0.82
CA ALA A 170 4.94 22.97 -0.20
C ALA A 170 4.44 24.29 0.42
N THR A 171 3.45 24.25 1.36
CA THR A 171 2.92 25.45 2.06
C THR A 171 4.03 26.12 2.87
N PHE A 172 4.82 25.30 3.62
CA PHE A 172 5.94 25.79 4.42
C PHE A 172 6.98 26.47 3.54
N LEU A 173 7.41 25.82 2.44
CA LEU A 173 8.38 26.36 1.48
C LEU A 173 7.86 27.63 0.79
N ALA A 174 6.56 27.69 0.43
CA ALA A 174 5.97 28.89 -0.17
C ALA A 174 6.07 30.04 0.82
N TRP A 175 5.67 29.80 2.09
CA TRP A 175 5.72 30.77 3.20
C TRP A 175 7.15 31.26 3.43
N GLN A 176 8.15 30.38 3.55
CA GLN A 176 9.56 30.80 3.74
C GLN A 176 10.09 31.63 2.59
N SER A 177 9.81 31.20 1.32
CA SER A 177 10.34 31.84 0.11
C SER A 177 9.71 33.20 -0.15
N LEU A 178 8.56 33.47 0.47
CA LEU A 178 7.92 34.77 0.32
C LEU A 178 8.60 35.85 1.22
N GLN A 179 9.37 35.46 2.29
CA GLN A 179 10.16 36.42 3.11
C GLN A 179 11.39 35.65 3.66
N PRO A 180 12.37 35.29 2.78
CA PRO A 180 13.42 34.34 3.22
C PRO A 180 14.32 34.84 4.34
N ALA A 181 14.71 36.13 4.32
CA ALA A 181 15.59 36.71 5.32
C ALA A 181 15.09 36.51 6.76
N ASP A 182 13.78 36.61 6.99
CA ASP A 182 13.19 36.53 8.32
C ASP A 182 12.54 35.19 8.66
N ARG A 183 12.36 34.27 7.68
CA ARG A 183 11.66 33.02 7.95
C ARG A 183 12.52 31.76 7.87
N LEU A 184 13.80 31.86 7.53
CA LEU A 184 14.63 30.65 7.42
C LEU A 184 15.01 30.05 8.78
N SER A 185 14.85 30.81 9.89
CA SER A 185 15.17 30.32 11.22
C SER A 185 14.05 29.39 11.76
N CYS A 186 12.87 29.42 11.14
CA CYS A 186 11.71 28.63 11.54
C CYS A 186 11.69 27.27 10.82
N SER A 187 11.70 26.21 11.62
CA SER A 187 11.62 24.83 11.15
C SER A 187 10.19 24.48 10.74
N LEU A 188 10.02 23.39 9.99
CA LEU A 188 8.71 22.83 9.61
C LEU A 188 7.82 22.60 10.84
N ALA A 189 8.35 21.97 11.90
CA ALA A 189 7.57 21.69 13.11
C ALA A 189 7.08 22.98 13.80
N ARG A 190 7.93 24.02 13.87
CA ARG A 190 7.54 25.27 14.53
C ARG A 190 6.48 25.98 13.69
N PHE A 191 6.60 25.90 12.36
CA PHE A 191 5.68 26.51 11.42
C PHE A 191 4.27 25.92 11.56
N CYS A 192 4.14 24.55 11.55
CA CYS A 192 2.83 23.92 11.68
C CYS A 192 2.19 24.28 13.03
N LYS A 193 2.98 24.35 14.11
CA LYS A 193 2.52 24.69 15.45
C LYS A 193 1.92 26.13 15.52
N LEU A 194 2.57 27.15 14.93
CA LEU A 194 2.02 28.51 15.00
C LEU A 194 0.83 28.70 14.04
N ALA A 195 0.89 28.09 12.83
CA ALA A 195 -0.21 28.07 11.86
C ALA A 195 -1.42 27.24 12.36
N ASN A 196 -1.25 26.51 13.48
CA ASN A 196 -2.22 25.66 14.18
C ASN A 196 -2.73 24.50 13.29
N VAL A 197 -1.79 23.73 12.75
CA VAL A 197 -2.09 22.58 11.88
C VAL A 197 -1.23 21.39 12.33
N ASP A 198 -1.81 20.17 12.37
CA ASP A 198 -1.06 18.98 12.76
C ASP A 198 0.09 18.73 11.78
N LEU A 199 1.25 18.28 12.29
CA LEU A 199 2.37 17.98 11.41
C LEU A 199 2.28 16.49 10.91
N PRO A 200 2.00 16.24 9.60
CA PRO A 200 1.98 14.86 9.09
C PRO A 200 3.38 14.25 9.12
N TYR A 201 3.51 12.99 9.55
CA TYR A 201 4.82 12.35 9.63
C TYR A 201 5.63 12.39 8.31
N PRO A 202 5.09 12.11 7.12
CA PRO A 202 5.94 12.16 5.92
C PRO A 202 6.32 13.58 5.46
N ALA A 203 5.78 14.66 6.08
CA ALA A 203 5.99 16.03 5.57
C ALA A 203 7.48 16.45 5.56
N SER A 204 8.30 16.00 6.54
CA SER A 204 9.74 16.31 6.56
C SER A 204 10.46 15.65 5.40
N SER A 205 10.07 14.41 5.03
CA SER A 205 10.71 13.72 3.88
C SER A 205 10.35 14.42 2.58
N ARG A 206 9.09 14.86 2.42
CA ARG A 206 8.60 15.58 1.24
C ARG A 206 9.34 16.89 1.05
N LEU A 207 9.60 17.59 2.17
CA LEU A 207 10.31 18.87 2.18
C LEU A 207 11.71 18.68 1.61
N GLN A 208 12.46 17.69 2.15
CA GLN A 208 13.84 17.40 1.73
C GLN A 208 13.88 16.99 0.25
N GLU A 209 12.90 16.21 -0.23
CA GLU A 209 12.82 15.84 -1.65
C GLU A 209 12.56 17.07 -2.55
N LEU A 210 11.67 17.99 -2.11
CA LEU A 210 11.31 19.19 -2.87
C LEU A 210 12.50 20.16 -2.93
N LEU A 211 13.29 20.23 -1.84
CA LEU A 211 14.49 21.07 -1.80
C LEU A 211 15.58 20.53 -2.73
N ALA A 212 15.72 19.18 -2.82
CA ALA A 212 16.68 18.50 -3.69
C ALA A 212 16.29 18.67 -5.17
N VAL A 213 14.95 18.66 -5.48
CA VAL A 213 14.42 18.89 -6.84
C VAL A 213 14.76 20.36 -7.27
N LEU A 214 14.52 21.35 -6.40
CA LEU A 214 14.80 22.78 -6.67
C LEU A 214 16.30 23.01 -6.86
N LEU A 215 17.13 22.26 -6.11
CA LEU A 215 18.58 22.30 -6.28
C LEU A 215 19.02 21.74 -7.65
N ARG A 216 18.34 20.70 -8.18
CA ARG A 216 18.69 20.14 -9.50
C ARG A 216 18.29 21.13 -10.59
N MET A 217 17.13 21.79 -10.42
CA MET A 217 16.65 22.85 -11.33
C MET A 217 17.65 24.02 -11.37
N ALA A 218 18.15 24.44 -10.17
CA ALA A 218 19.12 25.54 -10.03
C ALA A 218 20.39 25.27 -10.82
N GLU A 219 20.77 23.99 -10.99
CA GLU A 219 21.91 23.57 -11.79
C GLU A 219 21.72 23.88 -13.28
N GLN A 220 20.46 24.09 -13.75
CA GLN A 220 20.17 24.36 -15.17
C GLN A 220 20.34 25.86 -15.53
N LEU A 221 20.45 26.74 -14.53
CA LEU A 221 20.69 28.18 -14.73
C LEU A 221 22.12 28.49 -14.35
N ALA A 222 22.94 28.96 -15.32
CA ALA A 222 24.35 29.26 -15.11
C ALA A 222 24.61 30.21 -13.92
N TRP A 223 23.80 31.27 -13.76
CA TRP A 223 23.99 32.26 -12.69
C TRP A 223 23.61 31.71 -11.29
N LEU A 224 22.89 30.58 -11.23
CA LEU A 224 22.54 29.92 -9.98
C LEU A 224 23.49 28.76 -9.68
N ARG A 225 23.95 28.08 -10.75
CA ARG A 225 24.89 26.94 -10.69
C ARG A 225 26.22 27.37 -10.08
N VAL A 226 26.65 28.61 -10.36
CA VAL A 226 27.89 29.21 -9.92
C VAL A 226 27.86 29.61 -8.40
N LEU A 227 26.65 29.72 -7.81
CA LEU A 227 26.44 30.09 -6.40
C LEU A 227 26.65 28.90 -5.45
N ARG A 228 26.74 27.66 -6.00
CA ARG A 228 26.92 26.41 -5.24
C ARG A 228 25.91 26.36 -4.10
N LEU A 229 24.63 26.40 -4.47
CA LEU A 229 23.54 26.48 -3.51
C LEU A 229 23.40 25.22 -2.69
N ASP A 230 22.76 25.35 -1.53
CA ASP A 230 22.44 24.24 -0.65
C ASP A 230 20.97 24.34 -0.29
N LYS A 231 20.44 23.42 0.52
CA LYS A 231 19.02 23.39 0.86
C LYS A 231 18.54 24.65 1.61
N ARG A 232 19.47 25.45 2.17
CA ARG A 232 19.14 26.67 2.88
C ARG A 232 19.23 27.88 1.96
N SER A 233 20.31 27.97 1.15
CA SER A 233 20.52 29.11 0.25
C SER A 233 19.63 29.06 -0.99
N VAL A 234 19.08 27.88 -1.35
CA VAL A 234 18.19 27.75 -2.51
C VAL A 234 16.82 28.43 -2.26
N VAL A 235 16.41 28.57 -0.98
CA VAL A 235 15.10 29.09 -0.59
C VAL A 235 14.86 30.53 -1.13
N LYS A 236 15.85 31.43 -1.06
CA LYS A 236 15.64 32.79 -1.57
C LYS A 236 15.54 32.87 -3.12
N HIS A 237 15.80 31.77 -3.84
CA HIS A 237 15.74 31.75 -5.30
C HIS A 237 14.53 30.96 -5.81
N ILE A 238 13.65 30.52 -4.89
CA ILE A 238 12.47 29.70 -5.23
C ILE A 238 11.55 30.50 -6.17
N GLY A 239 11.33 31.77 -5.88
CA GLY A 239 10.54 32.65 -6.73
C GLY A 239 11.05 32.67 -8.15
N ASP A 240 12.38 32.77 -8.33
CA ASP A 240 13.06 32.77 -9.62
C ASP A 240 12.92 31.43 -10.34
N LEU A 241 13.09 30.31 -9.60
CA LEU A 241 12.99 28.96 -10.14
C LEU A 241 11.58 28.62 -10.61
N LEU A 242 10.54 29.09 -9.87
CA LEU A 242 9.15 28.81 -10.20
C LEU A 242 8.70 29.63 -11.42
N GLN A 243 9.30 30.81 -11.62
CA GLN A 243 9.03 31.68 -12.76
C GLN A 243 9.30 30.94 -14.08
N HIS A 244 10.27 30.00 -14.07
CA HIS A 244 10.67 29.20 -15.22
C HIS A 244 10.59 27.67 -14.92
N ARG A 245 9.64 27.24 -14.06
CA ARG A 245 9.51 25.84 -13.66
C ARG A 245 9.34 24.89 -14.85
N GLN A 246 8.40 25.17 -15.81
CA GLN A 246 8.16 24.32 -16.98
C GLN A 246 9.45 24.11 -17.80
N SER A 247 10.17 25.21 -18.12
CA SER A 247 11.43 25.20 -18.88
C SER A 247 12.57 24.47 -18.14
N LEU A 248 12.75 24.74 -16.83
CA LEU A 248 13.80 24.16 -16.01
C LEU A 248 13.62 22.66 -15.79
N VAL A 249 12.35 22.20 -15.69
CA VAL A 249 12.00 20.78 -15.51
C VAL A 249 12.32 20.00 -16.79
N ARG A 250 11.94 20.54 -17.98
CA ARG A 250 12.21 19.91 -19.28
C ARG A 250 13.72 19.81 -19.55
N SER A 251 14.48 20.85 -19.15
CA SER A 251 15.94 20.92 -19.28
C SER A 251 16.64 19.91 -18.37
N ALA A 252 16.12 19.68 -17.14
CA ALA A 252 16.65 18.76 -16.14
C ALA A 252 16.44 17.29 -16.57
N PHE A 253 15.28 16.98 -17.19
CA PHE A 253 14.95 15.64 -17.71
C PHE A 253 15.75 15.33 -18.97
N ARG A 254 16.01 16.38 -19.80
CA ARG A 254 16.74 16.34 -21.08
C ARG A 254 18.20 15.90 -20.85
N ASP A 255 18.82 16.38 -19.76
CA ASP A 255 20.20 16.06 -19.37
C ASP A 255 20.21 14.87 -18.40
N LEU A 297 17.48 11.16 -15.73
CA LEU A 297 17.99 10.94 -14.38
C LEU A 297 17.00 11.45 -13.30
N LEU A 298 16.07 12.36 -13.65
CA LEU A 298 15.06 12.84 -12.70
C LEU A 298 14.01 11.72 -12.58
N LEU A 299 14.00 11.06 -11.42
CA LEU A 299 13.18 9.85 -11.21
C LEU A 299 12.49 9.81 -9.84
N PRO A 300 11.50 8.89 -9.64
CA PRO A 300 10.89 8.73 -8.31
C PRO A 300 11.96 8.43 -7.26
N PRO A 301 11.89 9.08 -6.06
CA PRO A 301 12.93 8.86 -5.04
C PRO A 301 13.20 7.40 -4.67
N CYS A 302 12.20 6.48 -4.77
CA CYS A 302 12.41 5.06 -4.44
C CYS A 302 13.30 4.32 -5.49
N MET A 303 13.56 4.95 -6.64
CA MET A 303 14.40 4.33 -7.68
C MET A 303 15.87 4.67 -7.51
N LEU A 304 16.17 5.91 -7.09
CA LEU A 304 17.54 6.38 -6.89
C LEU A 304 17.78 6.69 -5.40
N LYS A 305 18.28 5.70 -4.60
CA LYS A 305 18.66 4.34 -5.03
C LYS A 305 18.47 3.31 -3.89
N SER A 306 18.56 2.02 -4.24
CA SER A 306 18.43 0.90 -3.31
C SER A 306 19.78 0.13 -3.28
N PRO A 307 20.79 0.62 -2.51
CA PRO A 307 22.10 -0.06 -2.49
C PRO A 307 22.10 -1.37 -1.69
N LYS A 308 21.39 -1.42 -0.55
CA LYS A 308 21.32 -2.61 0.30
C LYS A 308 20.29 -3.60 -0.25
N ARG A 309 20.74 -4.44 -1.21
CA ARG A 309 19.96 -5.48 -1.87
C ARG A 309 20.79 -6.75 -2.03
N ILE A 310 20.16 -7.93 -1.85
CA ILE A 310 20.85 -9.21 -1.95
C ILE A 310 20.22 -10.04 -3.07
N CYS A 311 21.04 -10.42 -4.05
CA CYS A 311 20.64 -11.21 -5.22
C CYS A 311 21.23 -12.66 -5.19
N PRO A 312 22.25 -12.98 -4.35
CA PRO A 312 22.82 -14.34 -4.39
C PRO A 312 22.14 -15.36 -3.46
N VAL A 313 21.08 -14.94 -2.75
CA VAL A 313 20.32 -15.78 -1.84
C VAL A 313 19.61 -16.91 -2.60
N PRO A 314 19.03 -16.69 -3.81
CA PRO A 314 18.33 -17.80 -4.46
C PRO A 314 19.27 -18.94 -4.86
N PRO A 315 18.91 -20.22 -4.63
CA PRO A 315 19.81 -21.30 -5.00
C PRO A 315 19.31 -22.02 -6.26
N VAL A 316 20.22 -22.60 -7.02
CA VAL A 316 19.82 -23.35 -8.21
C VAL A 316 18.94 -24.53 -7.77
N SER A 317 17.83 -24.78 -8.49
CA SER A 317 16.93 -25.87 -8.11
C SER A 317 16.99 -27.03 -9.11
N THR A 318 17.15 -28.23 -8.58
CA THR A 318 17.21 -29.48 -9.35
C THR A 318 16.19 -30.50 -8.78
N VAL A 319 15.25 -30.01 -7.93
CA VAL A 319 14.20 -30.77 -7.24
C VAL A 319 13.13 -31.22 -8.26
N THR A 320 12.66 -32.48 -8.13
CA THR A 320 11.63 -33.08 -8.99
C THR A 320 10.28 -33.28 -8.24
N GLY A 321 10.35 -33.27 -6.90
CA GLY A 321 9.22 -33.48 -6.00
C GLY A 321 8.92 -34.95 -5.72
N ASP A 322 9.60 -35.85 -6.48
CA ASP A 322 9.43 -37.31 -6.47
C ASP A 322 10.57 -38.08 -5.75
N GLU A 323 11.61 -37.37 -5.23
CA GLU A 323 12.76 -38.03 -4.56
C GLU A 323 12.37 -38.77 -3.29
N ASN A 324 13.11 -39.84 -2.96
CA ASN A 324 12.90 -40.66 -1.76
C ASN A 324 13.08 -39.79 -0.51
N ILE A 325 12.28 -40.06 0.53
CA ILE A 325 12.37 -39.38 1.82
C ILE A 325 12.77 -40.45 2.84
N SER A 326 14.03 -40.41 3.31
CA SER A 326 14.59 -41.38 4.25
C SER A 326 14.01 -41.21 5.66
N ASP A 327 14.11 -42.26 6.49
CA ASP A 327 13.61 -42.23 7.87
C ASP A 327 14.41 -41.23 8.73
N SER A 328 15.75 -41.11 8.51
CA SER A 328 16.65 -40.20 9.25
C SER A 328 16.31 -38.73 8.96
N GLU A 329 15.88 -38.45 7.72
CA GLU A 329 15.49 -37.10 7.32
C GLU A 329 14.27 -36.65 8.13
N ILE A 330 13.30 -37.56 8.35
CA ILE A 330 12.07 -37.25 9.09
C ILE A 330 12.31 -37.26 10.62
N GLU A 331 13.05 -38.27 11.14
CA GLU A 331 13.30 -38.47 12.59
C GLU A 331 13.86 -37.23 13.28
N GLN A 332 14.62 -36.38 12.58
CA GLN A 332 15.18 -35.17 13.15
C GLN A 332 14.07 -34.16 13.57
N TYR A 333 12.84 -34.30 13.04
CA TYR A 333 11.74 -33.42 13.37
C TYR A 333 10.90 -33.96 14.55
N LEU A 334 11.32 -35.10 15.13
CA LEU A 334 10.61 -35.74 16.23
C LEU A 334 11.31 -35.53 17.54
N ARG A 335 10.54 -35.33 18.61
CA ARG A 335 11.13 -35.21 19.93
C ARG A 335 11.51 -36.60 20.41
N THR A 336 12.61 -36.71 21.16
CA THR A 336 13.03 -37.98 21.73
C THR A 336 12.13 -38.32 22.92
N PRO A 337 12.10 -39.58 23.40
CA PRO A 337 11.33 -39.89 24.63
C PRO A 337 11.74 -38.99 25.80
N GLN A 338 13.05 -38.65 25.98
CA GLN A 338 13.50 -37.75 27.05
C GLN A 338 12.93 -36.32 26.86
N GLU A 339 13.00 -35.77 25.63
CA GLU A 339 12.45 -34.45 25.32
C GLU A 339 10.95 -34.40 25.64
N VAL A 340 10.20 -35.48 25.34
CA VAL A 340 8.76 -35.58 25.62
C VAL A 340 8.51 -35.52 27.14
N ARG A 341 9.24 -36.32 27.91
CA ARG A 341 9.13 -36.39 29.37
C ARG A 341 9.43 -35.03 30.02
N ASP A 342 10.51 -34.36 29.58
CA ASP A 342 10.95 -33.08 30.11
C ASP A 342 9.94 -31.98 29.82
N PHE A 343 9.28 -32.05 28.65
CA PHE A 343 8.24 -31.11 28.27
C PHE A 343 6.98 -31.34 29.13
N GLN A 344 6.50 -32.61 29.22
CA GLN A 344 5.32 -33.03 30.00
C GLN A 344 5.45 -32.65 31.47
N ARG A 345 6.61 -32.91 32.10
CA ARG A 345 6.86 -32.55 33.50
C ARG A 345 6.74 -31.01 33.69
N ALA A 346 7.25 -30.22 32.73
CA ALA A 346 7.28 -28.76 32.76
C ALA A 346 5.90 -28.12 32.52
N GLN A 347 4.95 -28.90 31.97
CA GLN A 347 3.59 -28.45 31.71
C GLN A 347 2.65 -28.94 32.82
N ALA A 348 3.15 -29.84 33.70
CA ALA A 348 2.40 -30.40 34.82
C ALA A 348 2.57 -29.54 36.08
N GLY B 1 7.88 -10.32 -30.23
CA GLY B 1 8.95 -9.51 -29.62
C GLY B 1 8.84 -9.54 -28.08
N PRO B 2 9.49 -10.53 -27.41
CA PRO B 2 9.38 -10.60 -25.94
C PRO B 2 10.19 -9.49 -25.26
N SER B 3 9.84 -9.18 -24.00
CA SER B 3 10.48 -8.15 -23.19
C SER B 3 11.94 -8.46 -22.86
N GLY B 4 12.25 -9.76 -22.76
CA GLY B 4 13.54 -10.27 -22.32
C GLY B 4 13.60 -10.34 -20.80
N ILE B 5 12.45 -10.12 -20.14
CA ILE B 5 12.31 -10.17 -18.68
C ILE B 5 11.48 -11.38 -18.30
N VAL B 6 12.00 -12.20 -17.38
CA VAL B 6 11.34 -13.39 -16.85
C VAL B 6 10.96 -13.14 -15.38
N PRO B 7 9.66 -13.12 -15.03
CA PRO B 7 9.29 -12.97 -13.60
C PRO B 7 9.84 -14.11 -12.74
N GLN B 8 10.27 -13.82 -11.51
CA GLN B 8 10.80 -14.82 -10.58
C GLN B 8 9.73 -15.28 -9.64
N LEU B 9 9.58 -16.61 -9.48
CA LEU B 9 8.57 -17.15 -8.55
C LEU B 9 9.05 -16.93 -7.11
N GLN B 10 8.23 -16.28 -6.28
CA GLN B 10 8.58 -15.93 -4.91
C GLN B 10 7.90 -16.79 -3.85
N ASN B 11 6.73 -17.37 -4.16
CA ASN B 11 5.95 -18.12 -3.18
C ASN B 11 4.86 -18.94 -3.88
N ILE B 12 4.67 -20.18 -3.40
CA ILE B 12 3.72 -21.19 -3.85
C ILE B 12 2.90 -21.62 -2.64
N VAL B 13 1.57 -21.66 -2.79
CA VAL B 13 0.65 -22.13 -1.76
C VAL B 13 0.00 -23.39 -2.28
N SER B 14 0.16 -24.51 -1.58
CA SER B 14 -0.44 -25.76 -2.01
C SER B 14 -1.23 -26.38 -0.86
N THR B 15 -2.19 -27.24 -1.18
CA THR B 15 -3.00 -27.94 -0.18
C THR B 15 -2.93 -29.42 -0.41
N VAL B 16 -3.18 -30.19 0.65
CA VAL B 16 -3.25 -31.65 0.59
C VAL B 16 -4.13 -32.16 1.73
N ASN B 17 -4.80 -33.27 1.51
CA ASN B 17 -5.66 -33.93 2.48
C ASN B 17 -4.90 -35.14 2.99
N LEU B 18 -4.64 -35.19 4.30
CA LEU B 18 -3.94 -36.33 4.90
C LEU B 18 -4.92 -37.47 5.18
N GLY B 19 -6.18 -37.27 4.78
CA GLY B 19 -7.26 -38.26 4.84
C GLY B 19 -7.64 -38.89 6.17
N CYS B 20 -7.26 -38.29 7.31
CA CYS B 20 -7.61 -38.83 8.62
C CYS B 20 -7.65 -37.71 9.65
N LYS B 21 -8.42 -37.90 10.73
CA LYS B 21 -8.53 -36.92 11.82
C LYS B 21 -7.24 -36.90 12.64
N LEU B 22 -6.84 -35.71 13.10
CA LEU B 22 -5.59 -35.55 13.83
C LEU B 22 -5.80 -34.91 15.21
N ASP B 23 -5.04 -35.40 16.23
CA ASP B 23 -4.99 -34.82 17.57
C ASP B 23 -3.81 -33.86 17.59
N LEU B 24 -4.10 -32.56 17.54
CA LEU B 24 -3.12 -31.48 17.44
C LEU B 24 -2.26 -31.35 18.69
N LYS B 25 -2.81 -31.68 19.87
CA LYS B 25 -2.07 -31.68 21.14
C LYS B 25 -0.90 -32.68 21.08
N THR B 26 -1.17 -33.88 20.52
CA THR B 26 -0.21 -34.96 20.33
C THR B 26 0.90 -34.51 19.37
N ILE B 27 0.53 -33.92 18.21
CA ILE B 27 1.48 -33.41 17.21
C ILE B 27 2.39 -32.34 17.87
N ALA B 28 1.81 -31.33 18.56
CA ALA B 28 2.55 -30.25 19.25
C ALA B 28 3.51 -30.80 20.32
N LEU B 29 3.07 -31.81 21.07
CA LEU B 29 3.89 -32.40 22.12
C LEU B 29 5.01 -33.29 21.56
N ARG B 30 4.78 -34.00 20.47
CA ARG B 30 5.75 -35.02 20.02
C ARG B 30 6.62 -34.59 18.84
N ALA B 31 6.30 -33.47 18.17
CA ALA B 31 7.16 -32.95 17.10
C ALA B 31 8.08 -31.87 17.65
N ARG B 32 9.21 -31.64 16.98
CA ARG B 32 10.16 -30.58 17.36
C ARG B 32 9.84 -29.26 16.66
N ASN B 33 9.30 -29.35 15.46
CA ASN B 33 9.08 -28.21 14.56
C ASN B 33 7.63 -27.70 14.52
N ALA B 34 6.84 -28.00 15.59
CA ALA B 34 5.44 -27.66 15.68
C ALA B 34 5.21 -26.53 16.68
N GLU B 35 4.34 -25.61 16.31
CA GLU B 35 3.94 -24.46 17.10
C GLU B 35 2.43 -24.53 17.17
N TYR B 36 1.90 -24.53 18.40
CA TYR B 36 0.46 -24.68 18.62
C TYR B 36 -0.01 -23.79 19.79
N ASN B 37 -0.90 -22.83 19.46
CA ASN B 37 -1.53 -21.88 20.41
C ASN B 37 -3.05 -21.86 20.08
N PRO B 38 -3.83 -22.88 20.52
CA PRO B 38 -5.25 -22.96 20.11
C PRO B 38 -6.12 -21.75 20.43
N LYS B 39 -5.81 -21.01 21.52
CA LYS B 39 -6.56 -19.79 21.88
C LYS B 39 -6.30 -18.67 20.85
N ARG B 40 -5.13 -18.69 20.20
CA ARG B 40 -4.77 -17.69 19.19
C ARG B 40 -5.25 -18.16 17.79
N PHE B 41 -4.88 -19.38 17.37
CA PHE B 41 -5.22 -19.97 16.09
C PHE B 41 -5.34 -21.49 16.21
N ALA B 42 -6.42 -22.05 15.66
CA ALA B 42 -6.85 -23.45 15.75
C ALA B 42 -5.96 -24.52 15.06
N ALA B 43 -4.87 -24.16 14.38
CA ALA B 43 -4.05 -25.16 13.69
C ALA B 43 -2.62 -25.22 14.18
N VAL B 44 -1.93 -26.35 13.89
CA VAL B 44 -0.51 -26.49 14.18
C VAL B 44 0.28 -25.81 13.05
N ILE B 45 1.31 -25.03 13.41
CA ILE B 45 2.22 -24.37 12.50
C ILE B 45 3.51 -25.22 12.51
N MET B 46 3.81 -25.89 11.41
CA MET B 46 4.98 -26.76 11.29
C MET B 46 5.98 -26.20 10.29
N ARG B 47 7.27 -26.33 10.55
CA ARG B 47 8.32 -25.86 9.65
C ARG B 47 9.38 -26.93 9.43
N ILE B 48 9.82 -27.12 8.18
CA ILE B 48 10.95 -28.01 7.85
C ILE B 48 12.02 -27.11 7.25
N ARG B 49 13.28 -27.53 7.34
CA ARG B 49 14.40 -26.73 6.84
C ARG B 49 14.64 -26.88 5.32
N GLU B 50 14.24 -28.00 4.71
CA GLU B 50 14.49 -28.21 3.28
C GLU B 50 13.42 -29.07 2.61
N PRO B 51 12.68 -28.54 1.61
CA PRO B 51 12.64 -27.13 1.16
C PRO B 51 12.14 -26.25 2.32
N ARG B 52 12.70 -25.05 2.48
CA ARG B 52 12.31 -24.15 3.57
C ARG B 52 10.90 -23.66 3.35
N THR B 53 9.98 -24.14 4.16
CA THR B 53 8.55 -23.87 4.04
C THR B 53 7.86 -23.87 5.39
N THR B 54 6.56 -23.53 5.41
CA THR B 54 5.71 -23.61 6.61
C THR B 54 4.42 -24.35 6.22
N ALA B 55 3.94 -25.21 7.12
CA ALA B 55 2.68 -25.88 6.94
C ALA B 55 1.70 -25.53 8.08
N LEU B 56 0.43 -25.43 7.71
CA LEU B 56 -0.67 -25.29 8.65
C LEU B 56 -1.39 -26.63 8.66
N ILE B 57 -1.41 -27.32 9.81
CA ILE B 57 -2.02 -28.64 9.94
C ILE B 57 -3.26 -28.51 10.84
N PHE B 58 -4.42 -28.84 10.27
CA PHE B 58 -5.73 -28.75 10.92
C PHE B 58 -6.17 -30.09 11.48
N SER B 59 -7.03 -30.06 12.53
CA SER B 59 -7.49 -31.29 13.18
C SER B 59 -8.34 -32.17 12.23
N SER B 60 -8.82 -31.61 11.11
CA SER B 60 -9.60 -32.33 10.10
C SER B 60 -8.71 -33.23 9.24
N GLY B 61 -7.40 -33.04 9.29
CA GLY B 61 -6.45 -33.78 8.46
C GLY B 61 -6.03 -33.01 7.23
N LYS B 62 -6.62 -31.83 7.01
CA LYS B 62 -6.29 -30.97 5.87
C LYS B 62 -5.02 -30.17 6.20
N MET B 63 -4.23 -29.88 5.18
CA MET B 63 -2.97 -29.18 5.33
C MET B 63 -2.73 -28.19 4.21
N VAL B 64 -2.12 -27.05 4.56
CA VAL B 64 -1.72 -25.95 3.67
C VAL B 64 -0.19 -25.83 3.73
N CYS B 65 0.49 -25.81 2.60
CA CYS B 65 1.95 -25.69 2.53
C CYS B 65 2.30 -24.38 1.84
N THR B 66 3.11 -23.53 2.51
CA THR B 66 3.48 -22.20 1.99
C THR B 66 5.00 -21.98 1.91
N GLY B 67 5.42 -20.99 1.13
CA GLY B 67 6.82 -20.60 1.07
C GLY B 67 7.74 -21.19 0.04
N ALA B 68 7.34 -22.28 -0.66
CA ALA B 68 8.22 -22.89 -1.67
C ALA B 68 8.42 -21.94 -2.88
N LYS B 69 9.54 -22.11 -3.59
CA LYS B 69 9.91 -21.26 -4.73
C LYS B 69 9.63 -21.95 -6.08
N SER B 70 9.26 -23.25 -6.02
CA SER B 70 8.87 -24.03 -7.19
C SER B 70 7.78 -25.02 -6.80
N GLU B 71 6.94 -25.37 -7.76
CA GLU B 71 5.81 -26.30 -7.63
C GLU B 71 6.31 -27.70 -7.21
N GLU B 72 7.53 -28.05 -7.61
CA GLU B 72 8.21 -29.31 -7.26
C GLU B 72 8.61 -29.29 -5.79
N GLN B 73 9.21 -28.16 -5.34
CA GLN B 73 9.62 -27.94 -3.94
C GLN B 73 8.40 -27.98 -3.03
N SER B 74 7.27 -27.39 -3.47
CA SER B 74 6.01 -27.38 -2.69
C SER B 74 5.47 -28.81 -2.48
N ARG B 75 5.56 -29.66 -3.51
CA ARG B 75 5.14 -31.05 -3.46
C ARG B 75 6.07 -31.88 -2.56
N LEU B 76 7.40 -31.72 -2.69
CA LEU B 76 8.37 -32.43 -1.85
C LEU B 76 8.19 -32.06 -0.36
N ALA B 77 7.94 -30.75 -0.08
CA ALA B 77 7.77 -30.27 1.29
C ALA B 77 6.48 -30.83 1.88
N ALA B 78 5.39 -30.81 1.11
CA ALA B 78 4.07 -31.35 1.49
C ALA B 78 4.17 -32.83 1.84
N ARG B 79 4.91 -33.63 1.02
CA ARG B 79 5.15 -35.07 1.30
C ARG B 79 5.95 -35.26 2.61
N LYS B 80 6.93 -34.35 2.89
CA LYS B 80 7.73 -34.43 4.11
C LYS B 80 6.84 -34.16 5.35
N TYR B 81 5.91 -33.17 5.31
CA TYR B 81 5.02 -32.91 6.45
C TYR B 81 4.10 -34.12 6.69
N ALA B 82 3.66 -34.77 5.60
CA ALA B 82 2.82 -35.97 5.66
C ALA B 82 3.57 -37.15 6.32
N ARG B 83 4.88 -37.26 6.02
CA ARG B 83 5.74 -38.30 6.58
C ARG B 83 6.02 -38.02 8.06
N VAL B 84 6.09 -36.74 8.48
CA VAL B 84 6.31 -36.37 9.89
C VAL B 84 5.08 -36.81 10.68
N VAL B 85 3.88 -36.45 10.18
CA VAL B 85 2.57 -36.78 10.78
C VAL B 85 2.39 -38.32 10.88
N GLN B 86 2.78 -39.10 9.85
CA GLN B 86 2.72 -40.57 9.85
C GLN B 86 3.57 -41.16 10.99
N LYS B 87 4.83 -40.68 11.12
CA LYS B 87 5.79 -41.12 12.16
C LYS B 87 5.28 -40.79 13.58
N LEU B 88 4.38 -39.79 13.70
CA LEU B 88 3.74 -39.38 14.95
C LEU B 88 2.57 -40.33 15.34
N GLY B 89 2.33 -41.39 14.56
CA GLY B 89 1.32 -42.40 14.84
C GLY B 89 0.00 -42.34 14.09
N PHE B 90 -0.18 -41.36 13.18
CA PHE B 90 -1.42 -41.19 12.44
C PHE B 90 -1.41 -41.90 11.05
N PRO B 91 -2.53 -42.53 10.63
CA PRO B 91 -2.54 -43.19 9.30
C PRO B 91 -2.77 -42.16 8.19
N ALA B 92 -1.80 -41.26 8.02
CA ALA B 92 -1.83 -40.16 7.07
C ALA B 92 -1.57 -40.66 5.65
N LYS B 93 -2.32 -40.08 4.72
CA LYS B 93 -2.27 -40.35 3.28
C LYS B 93 -1.93 -39.04 2.57
N PHE B 94 -1.62 -39.09 1.28
CA PHE B 94 -1.28 -37.92 0.50
C PHE B 94 -2.28 -37.75 -0.61
N LEU B 95 -3.46 -37.24 -0.25
CA LEU B 95 -4.57 -37.11 -1.17
C LEU B 95 -4.83 -35.70 -1.67
N ASP B 96 -5.20 -35.60 -2.96
CA ASP B 96 -5.66 -34.42 -3.68
C ASP B 96 -4.70 -33.22 -3.61
N PHE B 97 -3.38 -33.45 -3.66
CA PHE B 97 -2.37 -32.39 -3.69
C PHE B 97 -2.69 -31.42 -4.82
N LYS B 98 -2.71 -30.12 -4.52
CA LYS B 98 -3.05 -29.10 -5.51
C LYS B 98 -2.36 -27.79 -5.21
N ILE B 99 -1.73 -27.21 -6.26
CA ILE B 99 -1.14 -25.87 -6.20
C ILE B 99 -2.34 -24.92 -6.23
N GLN B 100 -2.46 -24.04 -5.24
CA GLN B 100 -3.58 -23.12 -5.12
C GLN B 100 -3.26 -21.68 -5.53
N ASN B 101 -2.02 -21.24 -5.27
CA ASN B 101 -1.63 -19.87 -5.56
C ASN B 101 -0.13 -19.79 -5.83
N MET B 102 0.28 -18.88 -6.73
CA MET B 102 1.67 -18.60 -7.10
C MET B 102 1.85 -17.09 -7.20
N VAL B 103 2.98 -16.62 -6.66
CA VAL B 103 3.35 -15.22 -6.63
C VAL B 103 4.67 -15.05 -7.41
N GLY B 104 4.69 -14.12 -8.35
CA GLY B 104 5.87 -13.81 -9.13
C GLY B 104 6.24 -12.34 -9.01
N SER B 105 7.49 -11.99 -9.31
CA SER B 105 7.90 -10.58 -9.27
C SER B 105 8.95 -10.28 -10.33
N CYS B 106 9.00 -9.02 -10.77
CA CYS B 106 10.01 -8.54 -11.72
C CYS B 106 10.04 -7.01 -11.75
N ASP B 107 10.97 -6.48 -12.55
CA ASP B 107 11.23 -5.07 -12.69
C ASP B 107 11.37 -4.70 -14.16
N VAL B 108 10.61 -3.70 -14.61
CA VAL B 108 10.67 -3.22 -15.99
C VAL B 108 11.79 -2.15 -16.13
N LYS B 109 12.32 -1.64 -14.98
CA LYS B 109 13.45 -0.69 -14.84
C LYS B 109 13.20 0.69 -15.48
N PHE B 110 11.96 1.20 -15.41
CA PHE B 110 11.60 2.55 -15.84
C PHE B 110 10.38 3.01 -15.03
N PRO B 111 10.29 4.31 -14.68
CA PRO B 111 9.18 4.78 -13.83
C PRO B 111 7.81 4.73 -14.50
N ILE B 112 6.71 4.56 -13.68
CA ILE B 112 5.33 4.44 -14.16
CA ILE B 112 5.34 4.47 -14.20
C ILE B 112 4.42 5.55 -13.60
N ARG B 113 3.78 6.36 -14.47
CA ARG B 113 2.82 7.36 -14.04
C ARG B 113 1.50 6.65 -13.70
N LEU B 114 1.39 6.14 -12.47
CA LEU B 114 0.21 5.41 -12.00
C LEU B 114 -1.08 6.21 -12.19
N GLU B 115 -1.01 7.54 -11.99
CA GLU B 115 -2.13 8.48 -12.13
C GLU B 115 -2.64 8.52 -13.61
N GLY B 116 -1.78 8.17 -14.56
CA GLY B 116 -2.11 8.13 -15.98
C GLY B 116 -2.64 6.76 -16.36
N LEU B 117 -2.00 5.69 -15.84
CA LEU B 117 -2.40 4.30 -16.08
C LEU B 117 -3.82 4.04 -15.57
N VAL B 118 -4.18 4.56 -14.37
CA VAL B 118 -5.51 4.39 -13.79
C VAL B 118 -6.59 5.11 -14.67
N LEU B 119 -6.19 6.09 -15.51
CA LEU B 119 -7.13 6.76 -16.39
C LEU B 119 -7.28 6.01 -17.73
N THR B 120 -6.18 5.55 -18.33
CA THR B 120 -6.23 4.87 -19.62
C THR B 120 -6.70 3.43 -19.52
N HIS B 121 -6.52 2.79 -18.36
CA HIS B 121 -6.93 1.40 -18.15
C HIS B 121 -7.81 1.28 -16.94
N GLN B 122 -8.70 2.23 -16.80
CA GLN B 122 -9.61 2.33 -15.67
C GLN B 122 -10.38 1.06 -15.40
N GLN B 123 -10.90 0.38 -16.45
CA GLN B 123 -11.73 -0.80 -16.23
C GLN B 123 -10.98 -1.96 -15.52
N PHE B 124 -9.63 -1.93 -15.45
CA PHE B 124 -8.88 -2.99 -14.77
C PHE B 124 -8.10 -2.47 -13.57
N SER B 125 -8.00 -1.13 -13.42
CA SER B 125 -7.14 -0.46 -12.46
C SER B 125 -7.82 0.18 -11.29
N SER B 126 -7.16 0.13 -10.14
CA SER B 126 -7.55 0.78 -8.88
C SER B 126 -6.28 1.39 -8.26
N TYR B 127 -6.26 2.72 -8.13
CA TYR B 127 -5.12 3.41 -7.54
C TYR B 127 -5.61 4.47 -6.55
N GLU B 128 -5.38 4.22 -5.26
CA GLU B 128 -5.77 5.11 -4.17
C GLU B 128 -4.53 5.36 -3.27
N PRO B 129 -3.72 6.41 -3.60
CA PRO B 129 -2.46 6.65 -2.86
C PRO B 129 -2.64 7.06 -1.39
N GLU B 130 -3.86 7.45 -0.97
CA GLU B 130 -4.14 7.67 0.45
C GLU B 130 -4.17 6.33 1.20
N LEU B 131 -4.27 5.19 0.46
CA LEU B 131 -4.37 3.86 1.05
C LEU B 131 -3.22 2.92 0.74
N PHE B 132 -2.68 2.98 -0.48
CA PHE B 132 -1.63 2.03 -0.88
C PHE B 132 -0.81 2.65 -2.01
N PRO B 133 0.53 2.44 -2.07
CA PRO B 133 1.32 3.12 -3.11
C PRO B 133 1.22 2.50 -4.50
N GLY B 134 0.77 1.26 -4.60
CA GLY B 134 0.70 0.63 -5.91
C GLY B 134 -0.65 0.62 -6.58
N LEU B 135 -0.64 0.52 -7.91
CA LEU B 135 -1.87 0.39 -8.69
C LEU B 135 -2.21 -1.10 -8.76
N ILE B 136 -3.47 -1.45 -8.47
CA ILE B 136 -3.99 -2.82 -8.50
C ILE B 136 -4.60 -3.04 -9.86
N TYR B 137 -4.02 -3.95 -10.65
CA TYR B 137 -4.49 -4.24 -12.01
C TYR B 137 -5.07 -5.63 -12.01
N ARG B 138 -6.36 -5.74 -12.28
CA ARG B 138 -7.09 -7.00 -12.36
C ARG B 138 -7.23 -7.45 -13.84
N MET B 139 -6.27 -8.24 -14.32
CA MET B 139 -6.27 -8.78 -15.68
C MET B 139 -7.30 -9.90 -15.75
N ILE B 140 -8.06 -9.99 -16.87
CA ILE B 140 -9.10 -11.01 -17.06
C ILE B 140 -8.47 -12.27 -17.74
N LYS B 141 -7.61 -12.06 -18.75
CA LYS B 141 -6.92 -13.16 -19.42
C LYS B 141 -5.39 -12.96 -19.40
N PRO B 142 -4.66 -13.78 -18.62
CA PRO B 142 -5.17 -14.78 -17.66
C PRO B 142 -5.69 -14.03 -16.43
N ARG B 143 -6.45 -14.71 -15.56
CA ARG B 143 -7.05 -14.06 -14.41
C ARG B 143 -5.99 -13.86 -13.33
N ILE B 144 -5.26 -12.75 -13.44
CA ILE B 144 -4.15 -12.44 -12.55
C ILE B 144 -4.30 -11.03 -12.03
N VAL B 145 -3.89 -10.83 -10.79
CA VAL B 145 -3.87 -9.51 -10.19
C VAL B 145 -2.41 -9.08 -10.16
N LEU B 146 -2.13 -7.88 -10.68
CA LEU B 146 -0.79 -7.30 -10.69
C LEU B 146 -0.77 -6.04 -9.82
N LEU B 147 0.29 -5.86 -9.06
CA LEU B 147 0.47 -4.66 -8.27
C LEU B 147 1.60 -3.93 -8.94
N ILE B 148 1.31 -2.75 -9.49
CA ILE B 148 2.26 -1.99 -10.29
C ILE B 148 2.71 -0.77 -9.50
N PHE B 149 4.03 -0.59 -9.38
CA PHE B 149 4.60 0.47 -8.56
C PHE B 149 5.27 1.54 -9.44
N VAL B 150 5.44 2.75 -8.89
CA VAL B 150 6.02 3.91 -9.57
C VAL B 150 7.46 3.57 -10.08
N SER B 151 8.14 2.66 -9.39
CA SER B 151 9.51 2.23 -9.68
C SER B 151 9.60 1.35 -10.91
N GLY B 152 8.50 0.78 -11.36
CA GLY B 152 8.50 -0.17 -12.47
C GLY B 152 8.53 -1.61 -11.95
N LYS B 153 8.61 -1.77 -10.61
CA LYS B 153 8.56 -3.11 -10.01
C LYS B 153 7.10 -3.58 -10.03
N VAL B 154 6.89 -4.86 -10.38
CA VAL B 154 5.58 -5.46 -10.57
C VAL B 154 5.49 -6.74 -9.74
N VAL B 155 4.38 -6.91 -9.03
CA VAL B 155 4.08 -8.15 -8.29
C VAL B 155 2.91 -8.80 -9.04
N LEU B 156 3.02 -10.10 -9.33
CA LEU B 156 1.97 -10.88 -10.01
C LEU B 156 1.48 -11.98 -9.05
N THR B 157 0.17 -12.13 -8.88
CA THR B 157 -0.38 -13.13 -7.96
C THR B 157 -1.74 -13.69 -8.44
N GLY B 158 -2.15 -14.80 -7.85
CA GLY B 158 -3.41 -15.48 -8.16
C GLY B 158 -3.30 -16.59 -9.19
N ALA B 159 -2.07 -16.93 -9.62
CA ALA B 159 -1.85 -17.98 -10.62
C ALA B 159 -1.96 -19.39 -10.06
N LYS B 160 -2.47 -20.33 -10.88
CA LYS B 160 -2.58 -21.75 -10.55
C LYS B 160 -1.45 -22.52 -11.21
N VAL B 161 -0.91 -21.99 -12.32
CA VAL B 161 0.21 -22.55 -13.07
C VAL B 161 1.17 -21.43 -13.48
N ARG B 162 2.48 -21.76 -13.50
CA ARG B 162 3.61 -20.90 -13.87
C ARG B 162 3.36 -20.05 -15.14
N ALA B 163 2.79 -20.66 -16.21
CA ALA B 163 2.52 -20.00 -17.49
C ALA B 163 1.61 -18.76 -17.35
N GLU B 164 0.65 -18.77 -16.40
CA GLU B 164 -0.25 -17.65 -16.14
C GLU B 164 0.51 -16.43 -15.64
N ILE B 165 1.60 -16.61 -14.85
CA ILE B 165 2.45 -15.49 -14.36
C ILE B 165 3.19 -14.90 -15.60
N TYR B 166 3.80 -15.78 -16.42
CA TYR B 166 4.57 -15.34 -17.61
C TYR B 166 3.68 -14.65 -18.65
N GLU B 167 2.47 -15.20 -18.89
CA GLU B 167 1.47 -14.67 -19.82
C GLU B 167 1.01 -13.29 -19.39
N ALA B 168 0.67 -13.10 -18.09
CA ALA B 168 0.22 -11.82 -17.54
C ALA B 168 1.31 -10.76 -17.66
N PHE B 169 2.58 -11.15 -17.44
CA PHE B 169 3.68 -10.19 -17.56
C PHE B 169 3.94 -9.79 -19.01
N GLU B 170 3.82 -10.73 -19.97
CA GLU B 170 4.02 -10.36 -21.36
C GLU B 170 2.90 -9.44 -21.84
N ASN B 171 1.69 -9.60 -21.27
CA ASN B 171 0.53 -8.75 -21.57
C ASN B 171 0.70 -7.33 -21.04
N ILE B 172 1.17 -7.19 -19.79
CA ILE B 172 1.28 -5.87 -19.16
C ILE B 172 2.48 -5.05 -19.69
N TYR B 173 3.57 -5.71 -20.11
CA TYR B 173 4.79 -5.03 -20.54
C TYR B 173 4.53 -3.95 -21.65
N PRO B 174 3.82 -4.22 -22.79
CA PRO B 174 3.61 -3.16 -23.78
C PRO B 174 2.69 -2.04 -23.23
N ILE B 175 1.75 -2.36 -22.31
CA ILE B 175 0.87 -1.36 -21.68
C ILE B 175 1.75 -0.39 -20.86
N LEU B 176 2.74 -0.93 -20.12
CA LEU B 176 3.62 -0.11 -19.29
C LEU B 176 4.64 0.66 -20.16
N LYS B 177 5.17 0.03 -21.21
CA LYS B 177 6.17 0.62 -22.09
C LYS B 177 5.59 1.78 -22.94
N GLY B 178 4.40 1.58 -23.52
CA GLY B 178 3.72 2.57 -24.35
C GLY B 178 2.26 2.74 -23.99
#